data_3KR1
#
_entry.id   3KR1
#
_cell.length_a   94.054
_cell.length_b   94.054
_cell.length_c   189.440
_cell.angle_alpha   90.000
_cell.angle_beta   90.000
_cell.angle_gamma   90.000
#
_symmetry.space_group_name_H-M   'P 43 21 2'
#
loop_
_entity.id
_entity.type
_entity.pdbx_description
1 polymer 'Phenylethanolamine N-methyltransferase'
2 non-polymer S-ADENOSYL-L-HOMOCYSTEINE
3 non-polymer 6-chloro-1H-benzimidazol-2-amine
4 water water
#
_entity_poly.entity_id   1
_entity_poly.type   'polypeptide(L)'
_entity_poly.pdbx_seq_one_letter_code
;MSGADRSPNAGAAPDSAPGQAAVASAYQRFEPRAYLRNNYAPPRGDLCNPNGVGPWKLRCLAQTFATGEVSGRTLIDIGS
GPTVYQLLSACSHFEDITMTDFLEVNRQELGRWLQEEPGAFNWSMYSQHACLIEGKGECWQDKERQLRARVKRVLPIDVH
QPQPLGAGSPAPLPADALVSAFCLEAVSPDLASFQRALDHITTLLRPGGHLLLIGALEESWYLAGEARLTVVPVSEEEVR
EALVRSGYKVRDLRTYIMPAHLQTGVDDVKGVFFAWAQKVGLEHHHHHH
;
_entity_poly.pdbx_strand_id   A,B
#
# COMPACT_ATOMS: atom_id res chain seq x y z
N ALA A 24 -6.41 36.67 -14.42
CA ALA A 24 -5.75 36.51 -13.13
C ALA A 24 -6.72 36.72 -11.97
N SER A 25 -7.44 37.84 -11.99
CA SER A 25 -8.44 38.12 -10.96
C SER A 25 -9.43 36.97 -10.83
N ALA A 26 -9.53 36.18 -11.89
CA ALA A 26 -10.37 34.99 -11.87
C ALA A 26 -9.91 34.04 -10.77
N TYR A 27 -8.63 34.06 -10.46
CA TYR A 27 -8.08 33.19 -9.43
C TYR A 27 -8.53 33.56 -8.02
N GLN A 28 -9.11 34.73 -7.87
CA GLN A 28 -9.64 35.14 -6.57
C GLN A 28 -10.93 34.38 -6.25
N ARG A 29 -11.49 33.69 -7.24
CA ARG A 29 -12.68 32.88 -7.06
C ARG A 29 -12.35 31.38 -6.93
N PHE A 30 -11.09 31.05 -7.16
CA PHE A 30 -10.58 29.67 -7.12
C PHE A 30 -10.89 28.98 -5.79
N GLU A 31 -11.60 27.85 -5.85
CA GLU A 31 -11.90 27.06 -4.65
C GLU A 31 -11.07 25.78 -4.62
N PRO A 32 -10.13 25.69 -3.68
CA PRO A 32 -9.26 24.52 -3.55
C PRO A 32 -10.03 23.19 -3.49
N ARG A 33 -11.08 23.13 -2.68
CA ARG A 33 -11.86 21.90 -2.56
C ARG A 33 -12.45 21.46 -3.89
N ALA A 34 -12.97 22.42 -4.65
CA ALA A 34 -13.56 22.10 -5.95
C ALA A 34 -12.49 21.66 -6.95
N TYR A 35 -11.29 22.24 -6.83
CA TYR A 35 -10.17 21.85 -7.68
C TYR A 35 -9.72 20.42 -7.37
N LEU A 36 -9.55 20.11 -6.10
CA LEU A 36 -9.14 18.77 -5.67
C LEU A 36 -10.16 17.75 -6.13
N ARG A 37 -11.43 18.08 -5.93
CA ARG A 37 -12.54 17.23 -6.33
C ARG A 37 -12.52 16.95 -7.83
N ASN A 38 -12.35 18.02 -8.63
CA ASN A 38 -12.39 17.90 -10.09
C ASN A 38 -11.27 17.08 -10.69
N ASN A 39 -10.10 17.07 -10.05
CA ASN A 39 -8.90 16.56 -10.68
C ASN A 39 -8.21 15.42 -9.94
N TYR A 40 -8.51 15.27 -8.66
CA TYR A 40 -7.79 14.30 -7.83
C TYR A 40 -8.71 13.38 -7.05
N ALA A 41 -9.98 13.37 -7.46
CA ALA A 41 -10.95 12.41 -6.94
C ALA A 41 -11.48 11.62 -8.13
N PRO A 42 -12.06 10.44 -7.89
CA PRO A 42 -12.54 9.66 -9.03
C PRO A 42 -13.35 10.54 -9.99
N PRO A 43 -13.29 10.24 -11.30
CA PRO A 43 -12.52 9.15 -11.89
C PRO A 43 -11.03 9.46 -12.08
N ARG A 44 -10.66 10.73 -12.25
CA ARG A 44 -9.26 11.08 -12.48
C ARG A 44 -8.36 10.64 -11.32
N GLY A 45 -8.95 10.54 -10.14
CA GLY A 45 -8.22 10.20 -8.94
C GLY A 45 -8.28 8.74 -8.53
N ASP A 46 -8.89 7.89 -9.35
CA ASP A 46 -8.79 6.46 -9.11
C ASP A 46 -7.48 5.94 -9.69
N LEU A 47 -6.62 5.44 -8.81
CA LEU A 47 -5.27 5.05 -9.22
C LEU A 47 -5.15 3.57 -9.54
N CYS A 48 -6.24 2.82 -9.40
CA CYS A 48 -6.18 1.38 -9.62
C CYS A 48 -5.87 0.99 -11.08
N ASN A 49 -6.49 1.69 -12.03
CA ASN A 49 -6.16 1.46 -13.44
C ASN A 49 -4.85 2.14 -13.81
N PRO A 50 -3.88 1.35 -14.30
CA PRO A 50 -2.54 1.88 -14.56
C PRO A 50 -2.50 2.77 -15.79
N ASN A 51 -3.57 2.77 -16.58
CA ASN A 51 -3.65 3.58 -17.78
C ASN A 51 -4.28 4.95 -17.54
N GLY A 52 -4.60 5.23 -16.28
CA GLY A 52 -5.15 6.52 -15.90
C GLY A 52 -4.07 7.59 -15.89
N VAL A 53 -4.50 8.85 -15.80
CA VAL A 53 -3.57 9.99 -15.80
C VAL A 53 -2.74 10.04 -14.51
N GLY A 54 -3.36 9.64 -13.41
CA GLY A 54 -2.72 9.65 -12.10
C GLY A 54 -1.48 8.78 -12.07
N PRO A 55 -1.66 7.49 -12.35
CA PRO A 55 -0.49 6.59 -12.39
C PRO A 55 0.55 7.04 -13.41
N TRP A 56 0.13 7.52 -14.57
CA TRP A 56 1.08 7.99 -15.59
C TRP A 56 1.96 9.11 -15.04
N LYS A 57 1.34 10.10 -14.39
CA LYS A 57 2.07 11.22 -13.80
C LYS A 57 3.08 10.76 -12.75
N LEU A 58 2.64 9.89 -11.84
CA LEU A 58 3.49 9.42 -10.77
C LEU A 58 4.67 8.63 -11.31
N ARG A 59 4.41 7.84 -12.35
CA ARG A 59 5.44 7.03 -12.97
C ARG A 59 6.51 7.92 -13.57
N CYS A 60 6.09 8.97 -14.28
CA CYS A 60 7.02 9.93 -14.87
C CYS A 60 7.96 10.50 -13.83
N LEU A 61 7.42 10.93 -12.70
CA LEU A 61 8.22 11.52 -11.64
C LEU A 61 9.14 10.47 -11.02
N ALA A 62 8.58 9.31 -10.69
CA ALA A 62 9.34 8.25 -10.04
C ALA A 62 10.53 7.80 -10.90
N GLN A 63 10.25 7.50 -12.16
CA GLN A 63 11.28 7.05 -13.09
C GLN A 63 12.39 8.09 -13.23
N THR A 64 12.01 9.36 -13.29
CA THR A 64 13.00 10.43 -13.45
C THR A 64 13.95 10.48 -12.25
N PHE A 65 13.39 10.46 -11.05
CA PHE A 65 14.22 10.50 -9.85
C PHE A 65 15.02 9.22 -9.65
N ALA A 66 14.48 8.11 -10.12
CA ALA A 66 15.16 6.82 -9.96
C ALA A 66 16.44 6.76 -10.81
N THR A 67 16.61 7.69 -11.73
CA THR A 67 17.84 7.74 -12.53
C THR A 67 19.02 8.15 -11.68
N GLY A 68 18.76 8.91 -10.63
CA GLY A 68 19.82 9.38 -9.74
C GLY A 68 20.48 10.64 -10.23
N GLU A 69 20.04 11.15 -11.38
CA GLU A 69 20.66 12.32 -11.97
C GLU A 69 20.03 13.63 -11.52
N VAL A 70 18.89 13.53 -10.84
CA VAL A 70 18.25 14.70 -10.27
C VAL A 70 18.41 14.66 -8.76
N SER A 71 19.39 15.42 -8.27
CA SER A 71 19.71 15.38 -6.85
C SER A 71 20.23 16.72 -6.35
N GLY A 72 20.45 16.82 -5.05
CA GLY A 72 20.91 18.04 -4.44
C GLY A 72 20.35 18.24 -3.06
N ARG A 73 20.36 19.49 -2.58
CA ARG A 73 19.91 19.79 -1.23
C ARG A 73 18.58 20.53 -1.18
N THR A 74 18.37 21.46 -2.11
CA THR A 74 17.15 22.25 -2.10
C THR A 74 16.33 22.12 -3.38
N LEU A 75 15.02 22.22 -3.22
CA LEU A 75 14.09 22.07 -4.31
C LEU A 75 12.89 22.98 -4.08
N ILE A 76 12.37 23.56 -5.15
CA ILE A 76 11.21 24.42 -5.03
C ILE A 76 10.08 23.95 -5.94
N ASP A 77 8.89 23.84 -5.38
CA ASP A 77 7.70 23.48 -6.13
C ASP A 77 6.94 24.74 -6.52
N ILE A 78 6.81 24.98 -7.82
CA ILE A 78 6.21 26.21 -8.32
C ILE A 78 4.72 26.08 -8.58
N GLY A 79 3.92 26.84 -7.83
CA GLY A 79 2.48 26.82 -8.01
C GLY A 79 1.90 25.49 -7.55
N SER A 80 2.24 25.13 -6.32
CA SER A 80 1.82 23.86 -5.73
C SER A 80 0.30 23.72 -5.71
N GLY A 81 -0.39 24.86 -5.58
CA GLY A 81 -1.81 24.84 -5.34
C GLY A 81 -2.04 24.07 -4.05
N PRO A 82 -3.13 23.31 -3.96
CA PRO A 82 -3.38 22.50 -2.77
C PRO A 82 -2.96 21.05 -2.94
N THR A 83 -2.04 20.75 -3.85
CA THR A 83 -1.64 19.36 -4.07
C THR A 83 -0.21 19.06 -3.65
N VAL A 84 0.04 17.81 -3.30
CA VAL A 84 1.35 17.38 -2.84
C VAL A 84 1.89 16.16 -3.57
N TYR A 85 1.07 15.55 -4.43
CA TYR A 85 1.46 14.36 -5.17
C TYR A 85 2.74 14.58 -5.97
N GLN A 86 2.90 15.79 -6.48
CA GLN A 86 4.02 16.10 -7.36
C GLN A 86 5.37 16.01 -6.65
N LEU A 87 5.34 15.86 -5.33
CA LEU A 87 6.57 15.84 -4.54
C LEU A 87 6.84 14.49 -3.89
N LEU A 88 5.93 13.53 -4.05
CA LEU A 88 6.04 12.25 -3.38
C LEU A 88 7.38 11.53 -3.67
N SER A 89 7.73 11.40 -4.94
CA SER A 89 8.98 10.75 -5.32
C SER A 89 10.18 11.67 -5.15
N ALA A 90 9.94 12.98 -5.20
CA ALA A 90 11.02 13.94 -5.11
C ALA A 90 11.62 13.97 -3.71
N CYS A 91 10.74 13.91 -2.71
CA CYS A 91 11.13 14.21 -1.34
C CYS A 91 12.28 13.39 -0.77
N SER A 92 12.55 12.22 -1.35
CA SER A 92 13.65 11.40 -0.84
C SER A 92 15.01 11.82 -1.42
N HIS A 93 15.01 12.86 -2.25
CA HIS A 93 16.23 13.32 -2.89
C HIS A 93 16.62 14.75 -2.53
N PHE A 94 15.76 15.44 -1.78
CA PHE A 94 16.03 16.81 -1.39
C PHE A 94 15.63 17.06 0.05
N GLU A 95 16.59 17.49 0.86
CA GLU A 95 16.37 17.64 2.29
C GLU A 95 15.66 18.95 2.65
N ASP A 96 15.72 19.93 1.75
CA ASP A 96 15.05 21.20 1.97
C ASP A 96 14.08 21.50 0.84
N ILE A 97 12.78 21.46 1.12
CA ILE A 97 11.77 21.67 0.11
C ILE A 97 10.92 22.90 0.38
N THR A 98 10.77 23.73 -0.64
CA THR A 98 9.92 24.92 -0.56
C THR A 98 8.71 24.73 -1.46
N MET A 99 7.52 24.85 -0.88
CA MET A 99 6.30 24.83 -1.66
C MET A 99 5.76 26.25 -1.79
N THR A 100 5.00 26.50 -2.86
CA THR A 100 4.57 27.86 -3.16
C THR A 100 3.21 27.88 -3.82
N ASP A 101 2.44 28.93 -3.53
CA ASP A 101 1.30 29.27 -4.37
C ASP A 101 0.96 30.75 -4.29
N PHE A 102 0.26 31.22 -5.31
CA PHE A 102 -0.16 32.61 -5.42
C PHE A 102 -1.29 32.91 -4.44
N LEU A 103 -2.15 31.91 -4.22
CA LEU A 103 -3.32 32.07 -3.38
C LEU A 103 -3.09 31.65 -1.92
N GLU A 104 -3.62 32.45 -1.01
CA GLU A 104 -3.55 32.16 0.42
C GLU A 104 -4.39 30.93 0.77
N VAL A 105 -5.55 30.78 0.12
CA VAL A 105 -6.42 29.64 0.40
C VAL A 105 -5.74 28.32 0.07
N ASN A 106 -4.93 28.29 -0.98
CA ASN A 106 -4.16 27.10 -1.33
C ASN A 106 -3.06 26.80 -0.31
N ARG A 107 -2.36 27.84 0.13
CA ARG A 107 -1.30 27.69 1.12
C ARG A 107 -1.87 27.19 2.43
N GLN A 108 -3.11 27.57 2.72
CA GLN A 108 -3.78 27.13 3.94
C GLN A 108 -4.14 25.65 3.81
N GLU A 109 -4.63 25.27 2.64
CA GLU A 109 -5.01 23.90 2.36
C GLU A 109 -3.78 22.98 2.47
N LEU A 110 -2.66 23.41 1.89
CA LEU A 110 -1.40 22.70 2.06
C LEU A 110 -1.07 22.58 3.54
N GLY A 111 -1.14 23.70 4.24
CA GLY A 111 -0.88 23.73 5.67
C GLY A 111 -1.64 22.66 6.42
N ARG A 112 -2.93 22.53 6.08
CA ARG A 112 -3.78 21.55 6.74
C ARG A 112 -3.28 20.11 6.58
N TRP A 113 -2.68 19.81 5.44
CA TRP A 113 -2.16 18.46 5.22
C TRP A 113 -0.78 18.29 5.83
N LEU A 114 0.07 19.30 5.68
CA LEU A 114 1.43 19.25 6.20
C LEU A 114 1.40 19.12 7.73
N GLN A 115 0.46 19.82 8.36
CA GLN A 115 0.35 19.79 9.82
C GLN A 115 -0.61 18.73 10.32
N GLU A 116 -1.19 17.97 9.39
CA GLU A 116 -2.14 16.92 9.72
C GLU A 116 -3.34 17.48 10.50
N GLU A 117 -3.68 18.73 10.23
CA GLU A 117 -4.83 19.37 10.87
C GLU A 117 -6.14 18.73 10.42
N PRO A 118 -7.26 19.12 11.04
CA PRO A 118 -8.57 18.58 10.62
C PRO A 118 -9.02 19.11 9.26
N GLY A 119 -9.64 18.24 8.47
CA GLY A 119 -10.18 18.64 7.18
C GLY A 119 -9.17 18.57 6.06
N ALA A 120 -7.98 18.05 6.36
CA ALA A 120 -6.94 17.91 5.35
C ALA A 120 -7.41 16.97 4.24
N PHE A 121 -6.95 17.21 3.01
CA PHE A 121 -7.24 16.31 1.91
C PHE A 121 -6.51 14.99 2.14
N ASN A 122 -7.12 13.90 1.68
CA ASN A 122 -6.54 12.57 1.84
C ASN A 122 -5.70 12.17 0.63
N TRP A 123 -4.39 12.28 0.76
CA TRP A 123 -3.48 11.97 -0.34
C TRP A 123 -2.94 10.55 -0.24
N SER A 124 -3.42 9.80 0.74
CA SER A 124 -2.83 8.50 1.03
C SER A 124 -2.80 7.52 -0.14
N MET A 125 -3.81 7.57 -1.01
CA MET A 125 -3.83 6.70 -2.19
C MET A 125 -2.63 7.01 -3.09
N TYR A 126 -2.29 8.29 -3.21
CA TYR A 126 -1.17 8.71 -4.06
C TYR A 126 0.16 8.30 -3.45
N SER A 127 0.29 8.50 -2.14
CA SER A 127 1.47 8.07 -1.41
C SER A 127 1.66 6.57 -1.59
N GLN A 128 0.58 5.81 -1.38
CA GLN A 128 0.62 4.36 -1.55
C GLN A 128 1.10 3.99 -2.96
N HIS A 129 0.55 4.64 -3.97
CA HIS A 129 0.92 4.33 -5.34
C HIS A 129 2.34 4.74 -5.71
N ALA A 130 2.83 5.81 -5.10
CA ALA A 130 4.23 6.18 -5.27
C ALA A 130 5.14 5.10 -4.69
N CYS A 131 4.80 4.60 -3.50
CA CYS A 131 5.57 3.52 -2.89
C CYS A 131 5.54 2.27 -3.78
N LEU A 132 4.35 1.96 -4.29
CA LEU A 132 4.16 0.86 -5.22
C LEU A 132 5.13 1.01 -6.38
N ILE A 133 5.06 2.15 -7.06
CA ILE A 133 5.86 2.41 -8.25
C ILE A 133 7.36 2.44 -7.99
N GLU A 134 7.76 3.11 -6.92
CA GLU A 134 9.19 3.25 -6.60
C GLU A 134 9.83 1.89 -6.30
N GLY A 135 9.02 0.96 -5.80
CA GLY A 135 9.46 -0.40 -5.56
C GLY A 135 10.63 -0.54 -4.62
N LYS A 136 10.56 0.15 -3.49
CA LYS A 136 11.58 0.06 -2.46
C LYS A 136 11.00 -0.56 -1.19
N GLY A 137 9.78 -1.06 -1.29
CA GLY A 137 9.10 -1.67 -0.14
C GLY A 137 8.81 -0.70 0.98
N GLU A 138 8.68 0.59 0.64
CA GLU A 138 8.42 1.63 1.64
C GLU A 138 6.93 1.72 1.95
N CYS A 139 6.59 1.76 3.24
CA CYS A 139 5.20 1.95 3.64
C CYS A 139 4.81 3.39 3.34
N TRP A 140 3.55 3.61 3.01
CA TRP A 140 3.10 4.94 2.60
C TRP A 140 3.21 5.98 3.72
N GLN A 141 3.09 5.55 4.96
CA GLN A 141 3.20 6.48 6.09
C GLN A 141 4.61 7.06 6.22
N ASP A 142 5.63 6.24 6.00
CA ASP A 142 7.01 6.72 6.06
C ASP A 142 7.20 7.77 4.97
N LYS A 143 6.63 7.50 3.80
CA LYS A 143 6.70 8.42 2.67
C LYS A 143 6.13 9.79 3.02
N GLU A 144 4.90 9.81 3.55
CA GLU A 144 4.25 11.05 3.93
C GLU A 144 5.02 11.75 5.05
N ARG A 145 5.52 10.94 5.98
CA ARG A 145 6.33 11.44 7.10
C ARG A 145 7.53 12.21 6.57
N GLN A 146 8.25 11.59 5.62
CA GLN A 146 9.41 12.23 5.02
C GLN A 146 9.05 13.52 4.28
N LEU A 147 8.01 13.47 3.47
CA LEU A 147 7.59 14.66 2.74
C LEU A 147 7.27 15.80 3.71
N ARG A 148 6.46 15.52 4.72
CA ARG A 148 6.10 16.52 5.72
C ARG A 148 7.34 17.09 6.41
N ALA A 149 8.31 16.22 6.65
CA ALA A 149 9.54 16.62 7.34
C ALA A 149 10.40 17.56 6.51
N ARG A 150 10.48 17.28 5.20
CA ARG A 150 11.38 18.01 4.33
C ARG A 150 10.80 19.30 3.76
N VAL A 151 9.48 19.40 3.68
CA VAL A 151 8.86 20.68 3.33
C VAL A 151 9.09 21.65 4.47
N LYS A 152 9.99 22.60 4.26
CA LYS A 152 10.37 23.53 5.31
C LYS A 152 9.46 24.75 5.35
N ARG A 153 9.00 25.19 4.18
CA ARG A 153 8.22 26.42 4.10
C ARG A 153 7.22 26.43 2.95
N VAL A 154 6.14 27.18 3.14
CA VAL A 154 5.14 27.39 2.10
C VAL A 154 5.01 28.88 1.82
N LEU A 155 5.48 29.32 0.67
CA LEU A 155 5.57 30.76 0.38
C LEU A 155 4.64 31.21 -0.73
N PRO A 156 4.21 32.48 -0.67
CA PRO A 156 3.51 33.10 -1.81
C PRO A 156 4.46 33.24 -2.99
N ILE A 157 3.91 33.27 -4.20
CA ILE A 157 4.72 33.37 -5.40
C ILE A 157 3.89 33.92 -6.55
N ASP A 158 4.54 34.64 -7.45
CA ASP A 158 3.90 35.12 -8.66
C ASP A 158 4.89 34.98 -9.81
N VAL A 159 4.67 33.99 -10.67
CA VAL A 159 5.59 33.71 -11.76
C VAL A 159 5.61 34.82 -12.80
N HIS A 160 4.71 35.79 -12.67
CA HIS A 160 4.67 36.92 -13.59
C HIS A 160 5.72 37.96 -13.24
N GLN A 161 6.24 37.88 -12.01
CA GLN A 161 7.24 38.82 -11.55
C GLN A 161 8.65 38.30 -11.84
N PRO A 162 9.52 39.18 -12.37
CA PRO A 162 10.90 38.82 -12.71
C PRO A 162 11.61 38.11 -11.55
N GLN A 163 11.24 38.47 -10.32
CA GLN A 163 11.64 37.72 -9.14
C GLN A 163 10.35 37.19 -8.50
N PRO A 164 9.95 35.97 -8.88
CA PRO A 164 8.65 35.40 -8.52
C PRO A 164 8.45 35.22 -7.02
N LEU A 165 9.54 35.05 -6.28
CA LEU A 165 9.48 34.88 -4.84
C LEU A 165 9.61 36.20 -4.12
N GLY A 166 10.05 37.23 -4.84
CA GLY A 166 10.25 38.54 -4.26
C GLY A 166 11.71 38.81 -3.92
N ALA A 167 11.93 39.81 -3.07
CA ALA A 167 13.27 40.28 -2.75
C ALA A 167 14.00 39.38 -1.76
N GLY A 168 13.60 39.42 -0.51
CA GLY A 168 14.26 38.67 0.54
C GLY A 168 13.49 37.45 0.99
N SER A 169 13.43 36.45 0.12
CA SER A 169 12.68 35.22 0.41
C SER A 169 13.48 34.27 1.29
N PRO A 170 12.78 33.59 2.21
CA PRO A 170 13.35 32.60 3.13
C PRO A 170 13.85 31.36 2.37
N ALA A 171 13.44 31.24 1.12
CA ALA A 171 13.85 30.11 0.29
C ALA A 171 15.31 30.22 -0.08
N PRO A 172 16.07 29.13 0.12
CA PRO A 172 17.47 29.05 -0.31
C PRO A 172 17.59 29.15 -1.82
N LEU A 173 18.20 30.23 -2.30
CA LEU A 173 18.42 30.39 -3.74
C LEU A 173 19.92 30.43 -4.02
N PRO A 174 20.31 29.95 -5.22
CA PRO A 174 19.41 29.34 -6.19
C PRO A 174 19.18 27.86 -5.86
N ALA A 175 18.02 27.34 -6.25
CA ALA A 175 17.65 25.95 -5.94
C ALA A 175 18.44 24.96 -6.79
N ASP A 176 18.60 23.75 -6.30
CA ASP A 176 19.26 22.70 -7.07
C ASP A 176 18.29 22.11 -8.08
N ALA A 177 17.00 22.32 -7.88
CA ALA A 177 15.98 21.68 -8.69
C ALA A 177 14.60 22.34 -8.58
N LEU A 178 13.84 22.31 -9.67
CA LEU A 178 12.49 22.86 -9.70
C LEU A 178 11.47 21.81 -10.13
N VAL A 179 10.29 21.86 -9.51
CA VAL A 179 9.14 21.10 -9.96
C VAL A 179 8.01 22.08 -10.17
N SER A 180 7.18 21.83 -11.18
CA SER A 180 5.98 22.64 -11.38
C SER A 180 4.96 21.90 -12.22
N ALA A 181 3.72 21.85 -11.74
CA ALA A 181 2.68 21.09 -12.42
C ALA A 181 1.39 21.88 -12.61
N PHE A 182 0.98 22.00 -13.88
CA PHE A 182 -0.26 22.67 -14.24
C PHE A 182 -0.34 24.12 -13.77
N CYS A 183 0.80 24.79 -13.72
CA CYS A 183 0.80 26.19 -13.29
C CYS A 183 0.93 27.16 -14.47
N LEU A 184 2.09 27.16 -15.12
CA LEU A 184 2.40 28.17 -16.13
C LEU A 184 1.30 28.36 -17.19
N GLU A 185 0.95 27.27 -17.87
CA GLU A 185 -0.08 27.36 -18.91
C GLU A 185 -1.42 27.79 -18.31
N ALA A 186 -1.61 27.50 -17.03
CA ALA A 186 -2.86 27.81 -16.36
C ALA A 186 -2.94 29.26 -15.84
N VAL A 187 -1.83 29.98 -15.91
CA VAL A 187 -1.79 31.36 -15.45
C VAL A 187 -1.32 32.32 -16.54
N SER A 188 -1.18 31.82 -17.77
CA SER A 188 -0.71 32.62 -18.89
C SER A 188 -1.78 32.74 -19.97
N PRO A 189 -2.11 33.99 -20.36
CA PRO A 189 -3.14 34.27 -21.39
C PRO A 189 -2.74 33.75 -22.75
N ASP A 190 -1.44 33.71 -23.02
CA ASP A 190 -0.94 33.36 -24.34
C ASP A 190 0.47 32.79 -24.28
N LEU A 191 0.98 32.40 -25.45
CA LEU A 191 2.26 31.74 -25.55
C LEU A 191 3.41 32.59 -25.03
N ALA A 192 3.37 33.89 -25.30
CA ALA A 192 4.46 34.78 -24.90
C ALA A 192 4.52 34.93 -23.38
N SER A 193 3.36 35.07 -22.76
CA SER A 193 3.26 35.12 -21.31
C SER A 193 3.85 33.84 -20.73
N PHE A 194 3.50 32.72 -21.35
CA PHE A 194 4.00 31.41 -20.94
C PHE A 194 5.53 31.41 -20.93
N GLN A 195 6.12 31.87 -22.03
CA GLN A 195 7.57 31.94 -22.17
C GLN A 195 8.22 32.77 -21.08
N ARG A 196 7.63 33.91 -20.76
CA ARG A 196 8.20 34.81 -19.76
C ARG A 196 8.11 34.20 -18.38
N ALA A 197 6.92 33.72 -18.01
CA ALA A 197 6.74 33.00 -16.76
C ALA A 197 7.83 31.94 -16.62
N LEU A 198 8.10 31.21 -17.69
CA LEU A 198 9.15 30.20 -17.69
C LEU A 198 10.54 30.82 -17.48
N ASP A 199 10.80 31.94 -18.15
CA ASP A 199 12.05 32.66 -17.95
C ASP A 199 12.18 33.06 -16.49
N HIS A 200 11.11 33.64 -15.94
CA HIS A 200 11.12 34.10 -14.56
C HIS A 200 11.48 33.00 -13.58
N ILE A 201 10.80 31.86 -13.66
CA ILE A 201 11.06 30.80 -12.70
C ILE A 201 12.43 30.19 -12.91
N THR A 202 12.92 30.25 -14.14
CA THR A 202 14.24 29.72 -14.46
C THR A 202 15.34 30.46 -13.69
N THR A 203 15.10 31.74 -13.38
CA THR A 203 16.09 32.53 -12.63
C THR A 203 16.27 32.02 -11.21
N LEU A 204 15.37 31.14 -10.77
CA LEU A 204 15.41 30.57 -9.43
C LEU A 204 16.26 29.31 -9.42
N LEU A 205 16.67 28.87 -10.60
CA LEU A 205 17.34 27.59 -10.74
C LEU A 205 18.84 27.75 -10.99
N ARG A 206 19.63 27.11 -10.13
CA ARG A 206 21.07 27.08 -10.27
C ARG A 206 21.44 26.45 -11.61
N PRO A 207 22.40 27.07 -12.32
CA PRO A 207 22.87 26.50 -13.59
C PRO A 207 23.24 25.02 -13.42
N GLY A 208 22.89 24.20 -14.40
CA GLY A 208 23.11 22.78 -14.31
C GLY A 208 22.03 22.11 -13.49
N GLY A 209 21.08 22.91 -13.01
CA GLY A 209 19.98 22.40 -12.20
C GLY A 209 18.91 21.74 -13.05
N HIS A 210 17.92 21.16 -12.40
CA HIS A 210 16.89 20.41 -13.11
C HIS A 210 15.48 20.94 -12.91
N LEU A 211 14.71 20.93 -13.99
CA LEU A 211 13.31 21.28 -13.95
C LEU A 211 12.46 20.09 -14.39
N LEU A 212 11.50 19.72 -13.55
CA LEU A 212 10.49 18.75 -13.93
C LEU A 212 9.19 19.53 -14.08
N LEU A 213 8.70 19.62 -15.31
CA LEU A 213 7.52 20.42 -15.61
C LEU A 213 6.38 19.53 -16.11
N ILE A 214 5.22 19.63 -15.46
CA ILE A 214 4.05 18.87 -15.88
C ILE A 214 2.93 19.84 -16.23
N GLY A 215 2.19 19.55 -17.29
CA GLY A 215 1.17 20.47 -17.74
C GLY A 215 0.12 19.92 -18.67
N ALA A 216 -0.97 20.68 -18.80
CA ALA A 216 -2.06 20.33 -19.69
C ALA A 216 -1.68 20.68 -21.12
N LEU A 217 -2.05 19.80 -22.06
CA LEU A 217 -1.81 20.06 -23.47
C LEU A 217 -3.10 20.46 -24.18
N GLU A 218 -3.03 21.56 -24.94
CA GLU A 218 -4.16 22.02 -25.74
C GLU A 218 -5.41 22.27 -24.89
N GLU A 219 -5.22 22.86 -23.73
CA GLU A 219 -6.33 23.23 -22.85
C GLU A 219 -6.58 24.73 -22.91
N SER A 220 -7.84 25.15 -22.85
CA SER A 220 -8.17 26.57 -22.88
C SER A 220 -8.94 27.06 -21.66
N TRP A 221 -9.55 26.14 -20.91
CA TRP A 221 -10.26 26.50 -19.69
C TRP A 221 -10.37 25.34 -18.71
N TYR A 222 -10.52 25.66 -17.44
CA TYR A 222 -10.87 24.67 -16.43
C TYR A 222 -11.61 25.35 -15.29
N LEU A 223 -12.42 24.58 -14.58
CA LEU A 223 -13.25 25.13 -13.52
C LEU A 223 -12.70 24.79 -12.14
N ALA A 224 -12.92 25.70 -11.20
CA ALA A 224 -12.52 25.49 -9.82
C ALA A 224 -13.60 26.04 -8.91
N GLY A 225 -14.75 25.38 -8.90
CA GLY A 225 -15.90 25.88 -8.19
C GLY A 225 -16.57 27.00 -8.98
N GLU A 226 -16.68 28.17 -8.37
CA GLU A 226 -17.27 29.33 -9.03
C GLU A 226 -16.28 29.96 -10.01
N ALA A 227 -14.99 29.66 -9.84
CA ALA A 227 -13.97 30.23 -10.71
C ALA A 227 -13.88 29.49 -12.05
N ARG A 228 -13.75 30.26 -13.12
CA ARG A 228 -13.59 29.72 -14.46
C ARG A 228 -12.30 30.29 -15.02
N LEU A 229 -11.27 29.45 -15.12
CA LEU A 229 -9.95 29.93 -15.48
C LEU A 229 -9.63 29.77 -16.95
N THR A 230 -8.90 30.74 -17.50
CA THR A 230 -8.49 30.71 -18.89
C THR A 230 -7.08 30.16 -19.00
N VAL A 231 -6.87 29.26 -19.97
CA VAL A 231 -5.60 28.57 -20.15
C VAL A 231 -5.06 28.79 -21.56
N VAL A 232 -3.76 28.96 -21.69
CA VAL A 232 -3.16 29.01 -23.02
C VAL A 232 -2.97 27.61 -23.56
N PRO A 233 -3.66 27.28 -24.66
CA PRO A 233 -3.50 25.95 -25.24
C PRO A 233 -2.12 25.75 -25.84
N VAL A 234 -1.35 24.81 -25.29
CA VAL A 234 0.01 24.58 -25.77
C VAL A 234 0.20 23.16 -26.26
N SER A 235 1.11 22.99 -27.22
CA SER A 235 1.42 21.69 -27.77
C SER A 235 2.75 21.21 -27.21
N GLU A 236 3.09 19.96 -27.48
CA GLU A 236 4.36 19.42 -27.01
C GLU A 236 5.53 20.16 -27.65
N GLU A 237 5.44 20.42 -28.96
CA GLU A 237 6.52 21.12 -29.64
C GLU A 237 6.69 22.55 -29.11
N GLU A 238 5.57 23.22 -28.83
CA GLU A 238 5.62 24.54 -28.23
C GLU A 238 6.27 24.48 -26.84
N VAL A 239 5.94 23.44 -26.07
CA VAL A 239 6.58 23.25 -24.76
C VAL A 239 8.08 23.02 -24.93
N ARG A 240 8.45 22.18 -25.89
CA ARG A 240 9.85 21.90 -26.14
C ARG A 240 10.60 23.19 -26.48
N GLU A 241 10.07 23.93 -27.44
CA GLU A 241 10.69 25.15 -27.93
C GLU A 241 10.88 26.20 -26.83
N ALA A 242 9.89 26.31 -25.94
CA ALA A 242 9.98 27.27 -24.84
C ALA A 242 11.13 26.93 -23.89
N LEU A 243 11.26 25.65 -23.56
CA LEU A 243 12.34 25.19 -22.70
C LEU A 243 13.69 25.50 -23.34
N VAL A 244 13.82 25.23 -24.63
CA VAL A 244 15.04 25.55 -25.34
C VAL A 244 15.33 27.04 -25.25
N ARG A 245 14.34 27.85 -25.58
CA ARG A 245 14.48 29.31 -25.53
C ARG A 245 14.85 29.80 -24.13
N SER A 246 14.42 29.10 -23.09
CA SER A 246 14.73 29.50 -21.72
C SER A 246 16.10 29.01 -21.27
N GLY A 247 16.80 28.31 -22.15
CA GLY A 247 18.16 27.89 -21.89
C GLY A 247 18.29 26.50 -21.27
N TYR A 248 17.29 25.66 -21.52
CA TYR A 248 17.32 24.29 -21.02
C TYR A 248 17.73 23.31 -22.11
N LYS A 249 18.32 22.20 -21.68
CA LYS A 249 18.50 21.04 -22.54
C LYS A 249 17.40 20.04 -22.16
N VAL A 250 16.52 19.73 -23.11
CA VAL A 250 15.42 18.82 -22.83
C VAL A 250 15.90 17.36 -22.78
N ARG A 251 15.97 16.82 -21.57
CA ARG A 251 16.40 15.44 -21.35
C ARG A 251 15.28 14.48 -21.71
N ASP A 252 14.05 14.92 -21.46
CA ASP A 252 12.89 14.05 -21.65
C ASP A 252 11.61 14.86 -21.82
N LEU A 253 10.79 14.44 -22.76
CA LEU A 253 9.48 15.04 -22.97
C LEU A 253 8.49 14.00 -23.46
N ARG A 254 7.53 13.66 -22.60
CA ARG A 254 6.54 12.62 -22.91
C ARG A 254 5.13 13.19 -22.90
N THR A 255 4.20 12.50 -23.57
CA THR A 255 2.81 12.93 -23.65
C THR A 255 1.84 11.82 -23.29
N TYR A 256 0.84 12.18 -22.48
CA TYR A 256 -0.27 11.29 -22.17
C TYR A 256 -1.52 11.84 -22.86
N ILE A 257 -2.11 11.04 -23.73
CA ILE A 257 -3.34 11.44 -24.40
C ILE A 257 -4.53 11.11 -23.52
N MET A 258 -5.39 12.10 -23.30
CA MET A 258 -6.52 11.95 -22.39
C MET A 258 -7.59 11.03 -22.96
N PRO A 259 -7.88 9.91 -22.26
CA PRO A 259 -8.91 8.98 -22.72
C PRO A 259 -10.28 9.62 -22.59
N ALA A 260 -11.21 9.21 -23.43
CA ALA A 260 -12.57 9.71 -23.37
C ALA A 260 -13.15 9.72 -21.95
N HIS A 261 -12.94 8.63 -21.21
CA HIS A 261 -13.60 8.49 -19.90
C HIS A 261 -13.06 9.43 -18.82
N LEU A 262 -11.92 10.08 -19.09
CA LEU A 262 -11.39 11.06 -18.15
C LEU A 262 -11.69 12.51 -18.61
N GLN A 263 -12.48 12.65 -19.68
CA GLN A 263 -12.93 13.95 -20.15
C GLN A 263 -14.25 14.30 -19.47
N THR A 264 -14.19 15.03 -18.37
CA THR A 264 -15.31 15.06 -17.41
C THR A 264 -16.16 16.33 -17.30
N GLY A 265 -15.89 17.34 -18.11
CA GLY A 265 -16.66 18.57 -18.01
C GLY A 265 -16.05 19.61 -17.07
N VAL A 266 -14.94 19.27 -16.43
CA VAL A 266 -14.24 20.24 -15.57
C VAL A 266 -13.21 21.05 -16.35
N ASP A 267 -12.96 20.65 -17.59
CA ASP A 267 -12.02 21.37 -18.45
C ASP A 267 -12.08 20.79 -19.86
N ASP A 268 -11.20 21.24 -20.74
CA ASP A 268 -11.15 20.67 -22.08
C ASP A 268 -9.74 20.19 -22.41
N VAL A 269 -9.04 19.69 -21.41
CA VAL A 269 -7.67 19.20 -21.58
C VAL A 269 -7.65 18.06 -22.61
N LYS A 270 -6.64 18.07 -23.47
CA LYS A 270 -6.54 17.07 -24.54
C LYS A 270 -5.48 16.03 -24.20
N GLY A 271 -4.50 16.43 -23.40
CA GLY A 271 -3.43 15.54 -23.00
C GLY A 271 -2.68 16.13 -21.84
N VAL A 272 -1.69 15.41 -21.34
CA VAL A 272 -0.83 15.90 -20.28
C VAL A 272 0.61 15.67 -20.72
N PHE A 273 1.46 16.67 -20.50
CA PHE A 273 2.87 16.53 -20.86
C PHE A 273 3.75 16.45 -19.63
N PHE A 274 4.85 15.71 -19.75
CA PHE A 274 5.89 15.70 -18.73
C PHE A 274 7.24 16.03 -19.34
N ALA A 275 7.89 17.05 -18.79
CA ALA A 275 9.20 17.45 -19.25
C ALA A 275 10.26 17.35 -18.16
N TRP A 276 11.40 16.75 -18.51
CA TRP A 276 12.59 16.78 -17.67
C TRP A 276 13.61 17.63 -18.40
N ALA A 277 13.90 18.81 -17.86
CA ALA A 277 14.82 19.74 -18.52
C ALA A 277 15.96 20.15 -17.59
N GLN A 278 17.13 20.34 -18.17
CA GLN A 278 18.31 20.75 -17.39
C GLN A 278 18.83 22.10 -17.86
N LYS A 279 18.89 23.06 -16.94
CA LYS A 279 19.42 24.37 -17.24
C LYS A 279 20.89 24.27 -17.61
N VAL A 280 21.25 24.82 -18.76
CA VAL A 280 22.63 24.73 -19.24
C VAL A 280 23.21 26.11 -19.55
N PRO B 14 -2.71 -42.70 25.18
CA PRO B 14 -3.65 -42.43 26.26
C PRO B 14 -4.98 -41.87 25.76
N ASP B 15 -5.57 -40.95 26.53
CA ASP B 15 -6.87 -40.40 26.19
C ASP B 15 -6.77 -38.98 25.68
N SER B 16 -7.41 -38.71 24.54
CA SER B 16 -7.36 -37.38 23.93
C SER B 16 -8.54 -36.51 24.35
N ALA B 17 -9.65 -37.14 24.73
CA ALA B 17 -10.89 -36.42 25.03
C ALA B 17 -10.77 -35.34 26.11
N PRO B 18 -10.10 -35.64 27.23
CA PRO B 18 -9.98 -34.64 28.31
C PRO B 18 -9.29 -33.36 27.85
N GLY B 19 -8.09 -33.51 27.28
CA GLY B 19 -7.34 -32.37 26.78
C GLY B 19 -8.14 -31.54 25.79
N GLN B 20 -8.80 -32.23 24.87
CA GLN B 20 -9.64 -31.56 23.88
C GLN B 20 -10.76 -30.77 24.56
N ALA B 21 -11.38 -31.39 25.56
CA ALA B 21 -12.47 -30.75 26.31
C ALA B 21 -11.99 -29.46 26.96
N ALA B 22 -10.76 -29.48 27.49
CA ALA B 22 -10.18 -28.32 28.13
C ALA B 22 -10.02 -27.18 27.13
N VAL B 23 -9.47 -27.53 25.97
CA VAL B 23 -9.25 -26.58 24.88
C VAL B 23 -10.55 -25.95 24.38
N ALA B 24 -11.54 -26.79 24.08
CA ALA B 24 -12.85 -26.31 23.65
C ALA B 24 -13.43 -25.35 24.68
N SER B 25 -13.33 -25.70 25.95
CA SER B 25 -13.83 -24.87 27.04
C SER B 25 -13.13 -23.52 27.07
N ALA B 26 -11.81 -23.53 27.03
CA ALA B 26 -11.05 -22.29 27.07
C ALA B 26 -11.49 -21.38 25.93
N TYR B 27 -11.64 -21.92 24.73
CA TYR B 27 -11.99 -21.11 23.58
C TYR B 27 -13.39 -20.51 23.61
N GLN B 28 -14.24 -20.98 24.53
CA GLN B 28 -15.57 -20.41 24.66
C GLN B 28 -15.49 -18.95 25.12
N ARG B 29 -14.32 -18.54 25.59
CA ARG B 29 -14.11 -17.17 26.04
C ARG B 29 -13.25 -16.36 25.08
N PHE B 30 -12.85 -16.97 23.97
CA PHE B 30 -12.06 -16.29 22.94
C PHE B 30 -12.78 -15.06 22.41
N GLU B 31 -12.16 -13.88 22.54
CA GLU B 31 -12.73 -12.66 22.01
C GLU B 31 -11.98 -12.19 20.76
N PRO B 32 -12.64 -12.26 19.60
CA PRO B 32 -11.99 -11.94 18.33
C PRO B 32 -11.39 -10.54 18.28
N ARG B 33 -12.14 -9.54 18.72
CA ARG B 33 -11.65 -8.16 18.71
C ARG B 33 -10.37 -7.98 19.51
N ALA B 34 -10.33 -8.60 20.69
CA ALA B 34 -9.15 -8.50 21.54
C ALA B 34 -7.98 -9.20 20.86
N TYR B 35 -8.25 -10.37 20.28
CA TYR B 35 -7.24 -11.09 19.54
C TYR B 35 -6.69 -10.23 18.40
N LEU B 36 -7.58 -9.67 17.60
CA LEU B 36 -7.17 -8.79 16.51
C LEU B 36 -6.28 -7.66 17.00
N ARG B 37 -6.75 -6.98 18.05
CA ARG B 37 -6.02 -5.87 18.66
C ARG B 37 -4.64 -6.31 19.12
N ASN B 38 -4.59 -7.46 19.79
CA ASN B 38 -3.34 -7.98 20.35
C ASN B 38 -2.27 -8.30 19.32
N ASN B 39 -2.69 -8.81 18.17
CA ASN B 39 -1.73 -9.35 17.20
C ASN B 39 -1.70 -8.62 15.84
N TYR B 40 -2.71 -7.82 15.54
CA TYR B 40 -2.79 -7.22 14.21
C TYR B 40 -3.02 -5.71 14.20
N ALA B 41 -3.07 -5.11 15.39
CA ALA B 41 -2.93 -3.67 15.51
C ALA B 41 -1.49 -3.42 15.96
N PRO B 42 -1.01 -2.17 15.80
CA PRO B 42 0.35 -1.88 16.28
C PRO B 42 0.47 -2.21 17.77
N PRO B 43 1.66 -2.57 18.26
CA PRO B 43 2.99 -2.58 17.63
C PRO B 43 3.18 -3.72 16.62
N ARG B 44 2.58 -4.88 16.89
CA ARG B 44 2.78 -6.04 16.03
C ARG B 44 2.22 -5.82 14.63
N GLY B 45 1.11 -5.08 14.56
CA GLY B 45 0.48 -4.78 13.29
C GLY B 45 1.11 -3.61 12.56
N ASP B 46 2.28 -3.17 13.01
CA ASP B 46 2.98 -2.09 12.34
C ASP B 46 3.79 -2.64 11.16
N LEU B 47 3.32 -2.38 9.95
CA LEU B 47 3.95 -2.97 8.78
C LEU B 47 5.06 -2.09 8.19
N CYS B 48 5.34 -0.96 8.84
CA CYS B 48 6.35 -0.03 8.34
C CYS B 48 7.79 -0.49 8.57
N ASN B 49 8.04 -1.08 9.73
CA ASN B 49 9.37 -1.62 10.01
C ASN B 49 9.53 -2.98 9.35
N PRO B 50 10.47 -3.08 8.39
CA PRO B 50 10.67 -4.31 7.61
C PRO B 50 11.17 -5.45 8.49
N ASN B 51 11.62 -5.12 9.70
CA ASN B 51 12.16 -6.12 10.62
C ASN B 51 11.07 -6.75 11.49
N GLY B 52 9.85 -6.23 11.37
CA GLY B 52 8.74 -6.68 12.19
C GLY B 52 8.17 -8.03 11.78
N VAL B 53 7.40 -8.65 12.68
CA VAL B 53 6.83 -9.97 12.39
C VAL B 53 5.80 -9.91 11.26
N GLY B 54 5.08 -8.80 11.18
CA GLY B 54 4.09 -8.62 10.15
C GLY B 54 4.67 -8.73 8.75
N PRO B 55 5.63 -7.86 8.43
CA PRO B 55 6.25 -7.91 7.10
C PRO B 55 6.92 -9.26 6.81
N TRP B 56 7.53 -9.88 7.82
CA TRP B 56 8.21 -11.17 7.65
C TRP B 56 7.22 -12.26 7.23
N LYS B 57 6.08 -12.32 7.91
CA LYS B 57 5.04 -13.29 7.55
C LYS B 57 4.58 -13.11 6.11
N LEU B 58 4.27 -11.87 5.75
CA LEU B 58 3.79 -11.57 4.41
C LEU B 58 4.84 -11.89 3.38
N ARG B 59 6.08 -11.54 3.68
CA ARG B 59 7.19 -11.81 2.79
C ARG B 59 7.34 -13.31 2.54
N CYS B 60 7.23 -14.11 3.61
CA CYS B 60 7.31 -15.56 3.47
C CYS B 60 6.25 -16.10 2.52
N LEU B 61 5.03 -15.60 2.67
CA LEU B 61 3.93 -16.06 1.83
C LEU B 61 4.08 -15.57 0.39
N ALA B 62 4.41 -14.28 0.22
CA ALA B 62 4.63 -13.72 -1.11
C ALA B 62 5.70 -14.50 -1.86
N GLN B 63 6.89 -14.60 -1.27
CA GLN B 63 8.01 -15.30 -1.89
C GLN B 63 7.66 -16.72 -2.28
N THR B 64 6.94 -17.43 -1.41
CA THR B 64 6.57 -18.81 -1.70
C THR B 64 5.71 -18.89 -2.95
N PHE B 65 4.64 -18.11 -2.98
CA PHE B 65 3.72 -18.14 -4.12
C PHE B 65 4.39 -17.62 -5.40
N ALA B 66 5.38 -16.76 -5.24
CA ALA B 66 6.07 -16.18 -6.38
C ALA B 66 6.89 -17.21 -7.16
N THR B 67 7.17 -18.35 -6.54
CA THR B 67 7.88 -19.44 -7.22
C THR B 67 7.01 -20.07 -8.29
N GLY B 68 5.71 -19.83 -8.20
CA GLY B 68 4.76 -20.43 -9.13
C GLY B 68 4.55 -21.91 -8.85
N GLU B 69 5.25 -22.44 -7.84
CA GLU B 69 5.18 -23.87 -7.55
C GLU B 69 3.99 -24.27 -6.68
N VAL B 70 3.31 -23.28 -6.11
CA VAL B 70 2.13 -23.55 -5.32
C VAL B 70 0.89 -23.00 -6.00
N SER B 71 0.16 -23.89 -6.66
CA SER B 71 -1.00 -23.50 -7.44
C SER B 71 -1.94 -24.67 -7.60
N GLY B 72 -3.15 -24.38 -8.05
CA GLY B 72 -4.18 -25.38 -8.22
C GLY B 72 -5.53 -24.70 -8.32
N ARG B 73 -6.60 -25.47 -8.15
CA ARG B 73 -7.94 -24.92 -8.20
C ARG B 73 -8.43 -24.52 -6.82
N THR B 74 -8.28 -25.41 -5.85
CA THR B 74 -8.83 -25.18 -4.52
C THR B 74 -7.79 -25.05 -3.41
N LEU B 75 -8.11 -24.19 -2.44
CA LEU B 75 -7.28 -23.97 -1.26
C LEU B 75 -8.17 -24.02 -0.03
N ILE B 76 -7.66 -24.60 1.06
CA ILE B 76 -8.36 -24.56 2.34
C ILE B 76 -7.46 -23.88 3.39
N ASP B 77 -8.01 -22.86 4.04
CA ASP B 77 -7.35 -22.20 5.17
C ASP B 77 -7.85 -22.83 6.48
N ILE B 78 -6.93 -23.43 7.22
CA ILE B 78 -7.26 -24.17 8.44
C ILE B 78 -7.12 -23.30 9.69
N GLY B 79 -8.23 -23.03 10.38
CA GLY B 79 -8.21 -22.24 11.59
C GLY B 79 -7.95 -20.78 11.32
N SER B 80 -8.73 -20.23 10.39
CA SER B 80 -8.58 -18.85 9.95
C SER B 80 -8.73 -17.85 11.09
N GLY B 81 -9.57 -18.17 12.07
CA GLY B 81 -9.96 -17.22 13.09
C GLY B 81 -10.58 -16.01 12.41
N PRO B 82 -10.34 -14.82 12.95
CA PRO B 82 -10.91 -13.63 12.34
C PRO B 82 -9.94 -12.91 11.40
N THR B 83 -8.97 -13.63 10.84
CA THR B 83 -7.93 -13.01 10.03
C THR B 83 -7.91 -13.47 8.57
N VAL B 84 -7.45 -12.59 7.69
CA VAL B 84 -7.40 -12.89 6.27
C VAL B 84 -6.02 -12.63 5.67
N TYR B 85 -5.14 -11.98 6.43
CA TYR B 85 -3.82 -11.64 5.91
C TYR B 85 -3.13 -12.84 5.29
N GLN B 86 -3.36 -14.02 5.87
CA GLN B 86 -2.65 -15.23 5.45
C GLN B 86 -3.05 -15.66 4.04
N LEU B 87 -4.04 -15.01 3.46
CA LEU B 87 -4.53 -15.39 2.14
C LEU B 87 -4.27 -14.32 1.09
N LEU B 88 -3.72 -13.19 1.51
CA LEU B 88 -3.54 -12.05 0.59
C LEU B 88 -2.72 -12.40 -0.66
N SER B 89 -1.59 -13.08 -0.48
CA SER B 89 -0.78 -13.49 -1.63
C SER B 89 -1.31 -14.77 -2.29
N ALA B 90 -2.00 -15.59 -1.51
CA ALA B 90 -2.50 -16.87 -2.00
C ALA B 90 -3.63 -16.70 -3.02
N CYS B 91 -4.44 -15.66 -2.86
CA CYS B 91 -5.70 -15.58 -3.61
C CYS B 91 -5.55 -15.44 -5.13
N SER B 92 -4.40 -14.97 -5.59
CA SER B 92 -4.21 -14.88 -7.04
C SER B 92 -3.87 -16.23 -7.68
N HIS B 93 -3.66 -17.25 -6.86
CA HIS B 93 -3.24 -18.56 -7.36
C HIS B 93 -4.29 -19.65 -7.23
N PHE B 94 -5.40 -19.32 -6.58
CA PHE B 94 -6.46 -20.29 -6.37
C PHE B 94 -7.84 -19.71 -6.64
N GLU B 95 -8.57 -20.38 -7.53
CA GLU B 95 -9.90 -19.92 -7.89
C GLU B 95 -10.89 -20.15 -6.75
N ASP B 96 -10.68 -21.19 -5.95
CA ASP B 96 -11.63 -21.55 -4.91
C ASP B 96 -10.98 -21.66 -3.53
N ILE B 97 -11.36 -20.75 -2.63
CA ILE B 97 -10.80 -20.71 -1.29
C ILE B 97 -11.84 -21.00 -0.22
N THR B 98 -11.49 -21.90 0.69
CA THR B 98 -12.32 -22.26 1.83
C THR B 98 -11.67 -21.71 3.10
N MET B 99 -12.38 -20.86 3.83
CA MET B 99 -11.90 -20.48 5.16
C MET B 99 -12.63 -21.32 6.19
N THR B 100 -12.04 -21.47 7.37
CA THR B 100 -12.61 -22.32 8.40
C THR B 100 -12.30 -21.79 9.80
N ASP B 101 -13.19 -22.07 10.75
CA ASP B 101 -12.86 -21.88 12.16
C ASP B 101 -13.79 -22.58 13.13
N PHE B 102 -13.24 -22.98 14.26
CA PHE B 102 -13.96 -23.67 15.32
C PHE B 102 -15.10 -22.82 15.85
N LEU B 103 -14.84 -21.53 16.00
CA LEU B 103 -15.74 -20.63 16.71
C LEU B 103 -16.67 -19.84 15.79
N GLU B 104 -17.96 -19.86 16.12
CA GLU B 104 -18.94 -19.08 15.38
C GLU B 104 -18.55 -17.60 15.32
N VAL B 105 -18.19 -17.04 16.47
CA VAL B 105 -17.89 -15.60 16.52
C VAL B 105 -16.80 -15.19 15.53
N ASN B 106 -15.84 -16.07 15.30
CA ASN B 106 -14.81 -15.80 14.29
C ASN B 106 -15.37 -15.87 12.88
N ARG B 107 -16.18 -16.87 12.62
CA ARG B 107 -16.81 -17.01 11.31
C ARG B 107 -17.68 -15.79 10.99
N GLN B 108 -18.33 -15.23 12.01
CA GLN B 108 -19.14 -14.02 11.84
C GLN B 108 -18.26 -12.82 11.56
N GLU B 109 -17.12 -12.77 12.25
CA GLU B 109 -16.16 -11.70 12.05
C GLU B 109 -15.73 -11.68 10.59
N LEU B 110 -15.34 -12.85 10.06
CA LEU B 110 -15.02 -12.97 8.64
C LEU B 110 -16.21 -12.58 7.78
N GLY B 111 -17.41 -12.85 8.28
CA GLY B 111 -18.64 -12.49 7.58
C GLY B 111 -18.74 -10.99 7.41
N ARG B 112 -18.32 -10.24 8.41
CA ARG B 112 -18.37 -8.78 8.38
C ARG B 112 -17.45 -8.27 7.30
N TRP B 113 -16.25 -8.83 7.25
CA TRP B 113 -15.27 -8.38 6.27
C TRP B 113 -15.72 -8.71 4.86
N LEU B 114 -16.30 -9.89 4.68
CA LEU B 114 -16.73 -10.35 3.37
C LEU B 114 -17.86 -9.49 2.79
N GLN B 115 -18.69 -8.93 3.66
CA GLN B 115 -19.75 -8.03 3.23
C GLN B 115 -19.24 -6.60 3.16
N GLU B 116 -17.94 -6.45 3.38
CA GLU B 116 -17.30 -5.15 3.33
C GLU B 116 -18.02 -4.15 4.23
N GLU B 117 -18.34 -4.57 5.45
CA GLU B 117 -19.01 -3.70 6.40
C GLU B 117 -18.00 -2.77 7.07
N PRO B 118 -18.46 -1.58 7.49
CA PRO B 118 -17.54 -0.66 8.17
C PRO B 118 -17.14 -1.19 9.55
N GLY B 119 -18.04 -1.94 10.18
CA GLY B 119 -17.75 -2.51 11.48
C GLY B 119 -16.67 -3.58 11.44
N ALA B 120 -16.30 -3.99 10.24
CA ALA B 120 -15.31 -5.06 10.08
C ALA B 120 -13.90 -4.57 10.42
N PHE B 121 -13.04 -5.51 10.83
CA PHE B 121 -11.65 -5.16 11.06
C PHE B 121 -11.06 -4.67 9.75
N ASN B 122 -10.18 -3.69 9.83
CA ASN B 122 -9.58 -3.10 8.65
C ASN B 122 -8.24 -3.74 8.28
N TRP B 123 -8.22 -4.45 7.16
CA TRP B 123 -7.02 -5.16 6.73
C TRP B 123 -6.24 -4.42 5.65
N SER B 124 -6.69 -3.22 5.30
CA SER B 124 -6.11 -2.51 4.16
C SER B 124 -4.60 -2.28 4.24
N MET B 125 -4.06 -2.05 5.44
CA MET B 125 -2.62 -1.90 5.61
C MET B 125 -1.93 -3.18 5.16
N TYR B 126 -2.51 -4.32 5.51
CA TYR B 126 -1.98 -5.62 5.12
C TYR B 126 -2.11 -5.87 3.61
N SER B 127 -3.27 -5.52 3.05
CA SER B 127 -3.49 -5.67 1.63
C SER B 127 -2.47 -4.85 0.85
N GLN B 128 -2.32 -3.59 1.26
CA GLN B 128 -1.38 -2.70 0.59
C GLN B 128 0.04 -3.24 0.69
N HIS B 129 0.46 -3.66 1.88
CA HIS B 129 1.81 -4.19 2.03
C HIS B 129 2.01 -5.42 1.14
N ALA B 130 1.01 -6.28 1.08
CA ALA B 130 1.06 -7.44 0.19
C ALA B 130 1.26 -7.03 -1.27
N CYS B 131 0.52 -6.00 -1.69
CA CYS B 131 0.65 -5.50 -3.06
C CYS B 131 2.04 -4.93 -3.29
N LEU B 132 2.52 -4.20 -2.29
CA LEU B 132 3.86 -3.62 -2.32
C LEU B 132 4.93 -4.67 -2.60
N ILE B 133 4.96 -5.75 -1.80
CA ILE B 133 6.02 -6.73 -1.94
C ILE B 133 5.85 -7.69 -3.12
N GLU B 134 4.61 -7.93 -3.54
CA GLU B 134 4.36 -8.78 -4.70
C GLU B 134 4.89 -8.12 -5.96
N GLY B 135 4.99 -6.79 -5.93
CA GLY B 135 5.66 -6.03 -6.98
C GLY B 135 5.01 -6.06 -8.35
N LYS B 136 3.69 -6.19 -8.38
CA LYS B 136 2.94 -6.19 -9.63
C LYS B 136 2.21 -4.87 -9.82
N GLY B 137 2.45 -3.93 -8.91
CA GLY B 137 1.81 -2.63 -8.96
C GLY B 137 0.30 -2.68 -8.77
N GLU B 138 -0.19 -3.77 -8.17
CA GLU B 138 -1.62 -3.94 -7.92
C GLU B 138 -2.09 -2.97 -6.83
N CYS B 139 -3.25 -2.36 -7.02
CA CYS B 139 -3.83 -1.52 -5.96
C CYS B 139 -4.52 -2.42 -4.94
N TRP B 140 -4.50 -2.01 -3.68
CA TRP B 140 -5.00 -2.86 -2.59
C TRP B 140 -6.50 -3.16 -2.68
N GLN B 141 -7.26 -2.23 -3.24
CA GLN B 141 -8.70 -2.45 -3.38
C GLN B 141 -8.98 -3.60 -4.34
N ASP B 142 -8.11 -3.76 -5.34
CA ASP B 142 -8.25 -4.86 -6.31
C ASP B 142 -7.90 -6.18 -5.63
N LYS B 143 -6.87 -6.17 -4.80
CA LYS B 143 -6.44 -7.36 -4.07
C LYS B 143 -7.56 -7.84 -3.15
N GLU B 144 -8.14 -6.91 -2.39
CA GLU B 144 -9.25 -7.25 -1.50
C GLU B 144 -10.48 -7.76 -2.26
N ARG B 145 -10.78 -7.13 -3.39
CA ARG B 145 -11.93 -7.53 -4.21
C ARG B 145 -11.76 -8.96 -4.69
N GLN B 146 -10.55 -9.32 -5.10
CA GLN B 146 -10.29 -10.68 -5.58
C GLN B 146 -10.35 -11.72 -4.46
N LEU B 147 -9.84 -11.37 -3.29
CA LEU B 147 -9.93 -12.29 -2.15
C LEU B 147 -11.40 -12.56 -1.81
N ARG B 148 -12.17 -11.49 -1.68
CA ARG B 148 -13.60 -11.63 -1.40
C ARG B 148 -14.32 -12.44 -2.47
N ALA B 149 -13.88 -12.33 -3.72
CA ALA B 149 -14.50 -13.08 -4.79
C ALA B 149 -14.20 -14.56 -4.63
N ARG B 150 -12.94 -14.87 -4.31
CA ARG B 150 -12.47 -16.26 -4.30
C ARG B 150 -12.73 -17.04 -3.02
N VAL B 151 -13.18 -16.37 -1.96
CA VAL B 151 -13.63 -17.09 -0.77
C VAL B 151 -15.05 -17.62 -1.01
N LYS B 152 -15.15 -18.93 -1.24
CA LYS B 152 -16.40 -19.56 -1.66
C LYS B 152 -17.23 -20.05 -0.48
N ARG B 153 -16.60 -20.14 0.69
CA ARG B 153 -17.30 -20.63 1.87
C ARG B 153 -16.48 -20.43 3.13
N VAL B 154 -17.18 -20.32 4.25
CA VAL B 154 -16.57 -20.24 5.57
C VAL B 154 -17.21 -21.32 6.42
N LEU B 155 -16.44 -22.33 6.79
CA LEU B 155 -16.98 -23.53 7.42
C LEU B 155 -16.44 -23.80 8.81
N PRO B 156 -17.25 -24.49 9.64
CA PRO B 156 -16.81 -24.99 10.94
C PRO B 156 -15.70 -26.04 10.76
N ILE B 157 -14.76 -26.05 11.69
CA ILE B 157 -13.69 -27.05 11.67
C ILE B 157 -13.27 -27.42 13.10
N ASP B 158 -12.87 -28.67 13.27
CA ASP B 158 -12.25 -29.15 14.50
C ASP B 158 -11.12 -30.09 14.09
N VAL B 159 -9.88 -29.61 14.22
CA VAL B 159 -8.73 -30.38 13.75
C VAL B 159 -8.48 -31.64 14.57
N HIS B 160 -9.15 -31.75 15.71
CA HIS B 160 -8.95 -32.93 16.56
C HIS B 160 -9.75 -34.13 16.09
N GLN B 161 -10.72 -33.87 15.21
CA GLN B 161 -11.50 -34.93 14.60
C GLN B 161 -10.72 -35.55 13.44
N PRO B 162 -10.91 -36.86 13.22
CA PRO B 162 -10.30 -37.56 12.08
C PRO B 162 -10.76 -36.97 10.75
N GLN B 163 -11.97 -36.43 10.73
CA GLN B 163 -12.48 -35.66 9.60
C GLN B 163 -12.75 -34.25 10.10
N PRO B 164 -11.75 -33.37 9.99
CA PRO B 164 -11.85 -32.04 10.61
C PRO B 164 -13.03 -31.20 10.13
N LEU B 165 -13.48 -31.42 8.89
CA LEU B 165 -14.60 -30.65 8.35
C LEU B 165 -15.93 -31.37 8.52
N GLY B 166 -15.88 -32.57 9.09
CA GLY B 166 -17.07 -33.39 9.21
C GLY B 166 -17.26 -34.25 7.97
N ALA B 167 -18.27 -35.12 8.00
CA ALA B 167 -18.54 -36.00 6.87
C ALA B 167 -19.38 -35.31 5.80
N GLY B 168 -19.11 -35.64 4.54
CA GLY B 168 -19.85 -35.10 3.41
C GLY B 168 -19.98 -33.59 3.46
N SER B 169 -18.89 -32.91 3.79
CA SER B 169 -18.89 -31.47 3.94
C SER B 169 -18.81 -30.77 2.60
N PRO B 170 -19.14 -29.46 2.58
CA PRO B 170 -19.07 -28.62 1.39
C PRO B 170 -17.72 -28.64 0.66
N ALA B 171 -16.65 -28.33 1.38
CA ALA B 171 -15.34 -28.10 0.75
C ALA B 171 -15.00 -29.11 -0.33
N PRO B 172 -14.51 -28.62 -1.48
CA PRO B 172 -14.03 -29.52 -2.53
C PRO B 172 -12.85 -30.31 -1.98
N LEU B 173 -12.95 -31.63 -1.94
CA LEU B 173 -11.87 -32.44 -1.44
C LEU B 173 -11.39 -33.45 -2.49
N PRO B 174 -10.09 -33.76 -2.50
CA PRO B 174 -9.06 -33.14 -1.65
C PRO B 174 -8.59 -31.81 -2.23
N ALA B 175 -8.14 -30.90 -1.37
CA ALA B 175 -7.68 -29.59 -1.82
C ALA B 175 -6.30 -29.66 -2.45
N ASP B 176 -6.00 -28.71 -3.32
CA ASP B 176 -4.70 -28.64 -3.95
C ASP B 176 -3.64 -28.11 -2.97
N ALA B 177 -4.08 -27.27 -2.03
CA ALA B 177 -3.17 -26.68 -1.06
C ALA B 177 -3.86 -26.39 0.27
N LEU B 178 -3.06 -26.30 1.34
CA LEU B 178 -3.54 -25.92 2.66
C LEU B 178 -2.73 -24.75 3.20
N VAL B 179 -3.41 -23.83 3.89
CA VAL B 179 -2.75 -22.78 4.63
C VAL B 179 -3.22 -22.87 6.07
N SER B 180 -2.33 -22.61 7.01
CA SER B 180 -2.71 -22.61 8.42
C SER B 180 -1.75 -21.77 9.24
N ALA B 181 -2.28 -20.77 9.93
CA ALA B 181 -1.45 -19.89 10.74
C ALA B 181 -1.92 -19.81 12.18
N PHE B 182 -1.02 -20.16 13.09
CA PHE B 182 -1.27 -20.05 14.53
C PHE B 182 -2.50 -20.80 15.00
N CYS B 183 -2.71 -22.00 14.46
CA CYS B 183 -3.87 -22.81 14.84
C CYS B 183 -3.45 -24.06 15.61
N LEU B 184 -2.71 -24.94 14.97
CA LEU B 184 -2.38 -26.25 15.53
C LEU B 184 -1.79 -26.19 16.94
N GLU B 185 -0.69 -25.45 17.11
CA GLU B 185 -0.05 -25.35 18.41
C GLU B 185 -0.90 -24.58 19.43
N ALA B 186 -1.89 -23.84 18.94
CA ALA B 186 -2.71 -23.01 19.80
C ALA B 186 -3.97 -23.74 20.27
N VAL B 187 -4.20 -24.93 19.74
CA VAL B 187 -5.39 -25.71 20.10
C VAL B 187 -5.03 -27.12 20.53
N SER B 188 -3.75 -27.36 20.72
CA SER B 188 -3.25 -28.68 21.10
C SER B 188 -2.53 -28.65 22.45
N PRO B 189 -3.00 -29.49 23.40
CA PRO B 189 -2.49 -29.55 24.77
C PRO B 189 -1.03 -30.00 24.86
N ASP B 190 -0.62 -30.84 23.93
CA ASP B 190 0.74 -31.40 23.96
C ASP B 190 1.16 -31.86 22.58
N LEU B 191 2.44 -32.19 22.43
CA LEU B 191 3.00 -32.52 21.13
C LEU B 191 2.26 -33.64 20.41
N ALA B 192 1.84 -34.67 21.15
CA ALA B 192 1.15 -35.81 20.56
C ALA B 192 -0.14 -35.38 19.89
N SER B 193 -0.87 -34.48 20.54
CA SER B 193 -2.09 -33.92 20.00
C SER B 193 -1.81 -33.10 18.74
N PHE B 194 -0.75 -32.29 18.80
CA PHE B 194 -0.29 -31.50 17.66
C PHE B 194 -0.14 -32.44 16.46
N GLN B 195 0.64 -33.50 16.65
CA GLN B 195 0.90 -34.48 15.60
C GLN B 195 -0.38 -35.04 14.99
N ARG B 196 -1.34 -35.42 15.84
CA ARG B 196 -2.61 -35.99 15.36
C ARG B 196 -3.39 -34.95 14.56
N ALA B 197 -3.43 -33.72 15.06
CA ALA B 197 -4.13 -32.64 14.35
C ALA B 197 -3.54 -32.46 12.97
N LEU B 198 -2.21 -32.47 12.89
CA LEU B 198 -1.51 -32.37 11.62
C LEU B 198 -1.89 -33.53 10.70
N ASP B 199 -1.96 -34.74 11.25
CA ASP B 199 -2.36 -35.92 10.49
C ASP B 199 -3.79 -35.78 9.96
N HIS B 200 -4.66 -35.21 10.78
CA HIS B 200 -6.05 -35.03 10.41
C HIS B 200 -6.22 -34.06 9.24
N ILE B 201 -5.55 -32.91 9.30
CA ILE B 201 -5.70 -31.94 8.22
C ILE B 201 -5.02 -32.41 6.94
N THR B 202 -4.02 -33.27 7.09
CA THR B 202 -3.30 -33.79 5.95
C THR B 202 -4.19 -34.65 5.06
N THR B 203 -5.23 -35.25 5.65
CA THR B 203 -6.19 -36.03 4.86
C THR B 203 -6.99 -35.13 3.91
N LEU B 204 -6.94 -33.83 4.14
CA LEU B 204 -7.69 -32.89 3.31
C LEU B 204 -6.91 -32.48 2.06
N LEU B 205 -5.62 -32.80 2.07
CA LEU B 205 -4.71 -32.38 1.03
C LEU B 205 -4.43 -33.50 0.04
N ARG B 206 -4.58 -33.22 -1.25
CA ARG B 206 -4.25 -34.21 -2.27
C ARG B 206 -2.76 -34.51 -2.22
N PRO B 207 -2.38 -35.73 -2.62
CA PRO B 207 -0.96 -36.08 -2.73
C PRO B 207 -0.28 -35.16 -3.72
N GLY B 208 0.92 -34.68 -3.37
CA GLY B 208 1.64 -33.75 -4.21
C GLY B 208 1.22 -32.31 -3.97
N GLY B 209 0.18 -32.13 -3.16
CA GLY B 209 -0.29 -30.80 -2.81
C GLY B 209 0.59 -30.15 -1.77
N HIS B 210 0.41 -28.85 -1.56
CA HIS B 210 1.29 -28.10 -0.67
C HIS B 210 0.61 -27.59 0.59
N LEU B 211 1.39 -27.51 1.67
CA LEU B 211 0.93 -26.94 2.92
C LEU B 211 1.85 -25.78 3.32
N LEU B 212 1.24 -24.63 3.60
CA LEU B 212 1.97 -23.50 4.15
C LEU B 212 1.54 -23.34 5.61
N LEU B 213 2.46 -23.61 6.52
CA LEU B 213 2.17 -23.59 7.95
C LEU B 213 2.97 -22.48 8.63
N ILE B 214 2.27 -21.65 9.40
CA ILE B 214 2.89 -20.58 10.15
C ILE B 214 2.48 -20.77 11.60
N GLY B 215 3.39 -20.52 12.54
CA GLY B 215 3.06 -20.70 13.94
C GLY B 215 4.04 -20.15 14.95
N ALA B 216 3.62 -20.19 16.21
CA ALA B 216 4.42 -19.68 17.31
C ALA B 216 5.45 -20.70 17.78
N LEU B 217 6.67 -20.23 18.03
CA LEU B 217 7.73 -21.08 18.57
C LEU B 217 7.90 -20.87 20.07
N GLU B 218 7.96 -21.97 20.81
CA GLU B 218 8.14 -21.93 22.26
C GLU B 218 7.14 -21.04 22.98
N GLU B 219 5.87 -21.15 22.60
CA GLU B 219 4.81 -20.39 23.25
C GLU B 219 3.96 -21.30 24.13
N SER B 220 3.60 -20.81 25.31
CA SER B 220 2.79 -21.61 26.22
C SER B 220 1.43 -20.98 26.58
N TRP B 221 1.29 -19.68 26.36
CA TRP B 221 0.01 -19.00 26.58
C TRP B 221 -0.12 -17.74 25.74
N TYR B 222 -1.35 -17.38 25.42
CA TYR B 222 -1.66 -16.09 24.81
C TYR B 222 -3.05 -15.62 25.25
N LEU B 223 -3.32 -14.34 25.06
CA LEU B 223 -4.57 -13.75 25.54
C LEU B 223 -5.51 -13.39 24.41
N ALA B 224 -6.79 -13.69 24.62
CA ALA B 224 -7.83 -13.29 23.66
C ALA B 224 -8.96 -12.59 24.39
N GLY B 225 -8.61 -11.60 25.19
CA GLY B 225 -9.58 -10.89 26.01
C GLY B 225 -9.57 -11.43 27.43
N GLU B 226 -10.71 -11.97 27.86
CA GLU B 226 -10.78 -12.60 29.17
C GLU B 226 -10.00 -13.91 29.12
N ALA B 227 -10.15 -14.63 28.01
CA ALA B 227 -9.52 -15.93 27.82
C ALA B 227 -7.99 -15.87 27.75
N ARG B 228 -7.33 -16.54 28.69
CA ARG B 228 -5.89 -16.79 28.62
C ARG B 228 -5.70 -18.25 28.25
N LEU B 229 -5.38 -18.50 26.99
CA LEU B 229 -5.35 -19.86 26.48
C LEU B 229 -4.00 -20.55 26.61
N THR B 230 -4.04 -21.86 26.83
CA THR B 230 -2.84 -22.64 27.01
C THR B 230 -2.39 -23.24 25.69
N VAL B 231 -1.10 -23.11 25.41
CA VAL B 231 -0.52 -23.49 24.13
C VAL B 231 0.65 -24.44 24.36
N VAL B 232 0.76 -25.45 23.51
CA VAL B 232 1.90 -26.35 23.57
C VAL B 232 3.13 -25.66 22.95
N PRO B 233 4.12 -25.36 23.79
CA PRO B 233 5.36 -24.79 23.23
C PRO B 233 6.05 -25.80 22.31
N VAL B 234 6.33 -25.39 21.07
CA VAL B 234 7.02 -26.26 20.14
C VAL B 234 8.26 -25.57 19.55
N SER B 235 9.21 -26.37 19.11
CA SER B 235 10.44 -25.86 18.50
C SER B 235 10.42 -26.12 17.01
N GLU B 236 11.39 -25.56 16.30
CA GLU B 236 11.52 -25.78 14.86
C GLU B 236 11.72 -27.26 14.55
N GLU B 237 12.59 -27.92 15.31
CA GLU B 237 12.88 -29.33 15.09
C GLU B 237 11.64 -30.19 15.29
N GLU B 238 10.86 -29.85 16.29
CA GLU B 238 9.61 -30.56 16.56
C GLU B 238 8.62 -30.33 15.42
N VAL B 239 8.61 -29.12 14.88
CA VAL B 239 7.75 -28.85 13.72
C VAL B 239 8.22 -29.64 12.50
N ARG B 240 9.53 -29.62 12.27
CA ARG B 240 10.10 -30.38 11.15
C ARG B 240 9.72 -31.85 11.28
N GLU B 241 10.01 -32.44 12.43
CA GLU B 241 9.77 -33.86 12.62
C GLU B 241 8.29 -34.22 12.42
N ALA B 242 7.39 -33.42 12.97
CA ALA B 242 5.97 -33.64 12.77
C ALA B 242 5.62 -33.67 11.29
N LEU B 243 6.17 -32.72 10.53
CA LEU B 243 5.88 -32.63 9.10
C LEU B 243 6.33 -33.89 8.35
N VAL B 244 7.53 -34.36 8.66
CA VAL B 244 8.04 -35.60 8.08
C VAL B 244 7.16 -36.77 8.50
N ARG B 245 6.75 -36.78 9.77
CA ARG B 245 5.94 -37.84 10.34
C ARG B 245 4.58 -37.97 9.66
N SER B 246 4.11 -36.88 9.08
CA SER B 246 2.79 -36.87 8.45
C SER B 246 2.87 -37.13 6.95
N GLY B 247 4.07 -37.39 6.46
CA GLY B 247 4.28 -37.71 5.05
C GLY B 247 4.54 -36.50 4.18
N TYR B 248 5.19 -35.49 4.73
CA TYR B 248 5.57 -34.32 3.96
C TYR B 248 7.07 -34.30 3.68
N LYS B 249 7.44 -33.75 2.53
CA LYS B 249 8.82 -33.32 2.33
C LYS B 249 8.87 -31.84 2.67
N VAL B 250 9.77 -31.46 3.56
CA VAL B 250 9.91 -30.07 3.96
C VAL B 250 10.71 -29.31 2.91
N ARG B 251 10.08 -28.34 2.25
CA ARG B 251 10.73 -27.57 1.19
C ARG B 251 11.43 -26.35 1.78
N ASP B 252 10.82 -25.80 2.82
CA ASP B 252 11.30 -24.58 3.45
C ASP B 252 10.82 -24.58 4.90
N LEU B 253 11.70 -24.13 5.80
CA LEU B 253 11.34 -23.97 7.20
C LEU B 253 12.21 -22.86 7.76
N ARG B 254 11.62 -21.70 7.98
CA ARG B 254 12.38 -20.56 8.46
C ARG B 254 11.88 -20.00 9.78
N THR B 255 12.79 -19.39 10.53
CA THR B 255 12.49 -18.92 11.87
C THR B 255 12.64 -17.42 12.01
N TYR B 256 11.64 -16.79 12.61
CA TYR B 256 11.71 -15.40 12.98
C TYR B 256 11.84 -15.32 14.49
N ILE B 257 12.88 -14.66 14.98
CA ILE B 257 13.06 -14.49 16.41
C ILE B 257 12.37 -13.19 16.85
N MET B 258 11.45 -13.32 17.79
CA MET B 258 10.67 -12.18 18.25
C MET B 258 11.55 -11.17 19.00
N PRO B 259 11.61 -9.93 18.49
CA PRO B 259 12.39 -8.87 19.14
C PRO B 259 11.76 -8.50 20.47
N ALA B 260 12.59 -8.14 21.44
CA ALA B 260 12.10 -7.82 22.78
C ALA B 260 10.91 -6.87 22.72
N HIS B 261 11.06 -5.85 21.89
CA HIS B 261 10.07 -4.77 21.82
C HIS B 261 8.72 -5.22 21.25
N LEU B 262 8.69 -6.40 20.62
CA LEU B 262 7.42 -6.98 20.15
C LEU B 262 6.88 -8.01 21.14
N GLN B 263 7.64 -8.27 22.19
CA GLN B 263 7.18 -9.13 23.28
C GLN B 263 6.42 -8.26 24.29
N THR B 264 5.10 -8.19 24.12
CA THR B 264 4.30 -7.17 24.80
C THR B 264 3.39 -7.67 25.92
N GLY B 265 3.42 -8.97 26.20
CA GLY B 265 2.62 -9.51 27.28
C GLY B 265 1.26 -10.02 26.86
N VAL B 266 0.98 -9.96 25.56
CA VAL B 266 -0.22 -10.62 25.03
C VAL B 266 0.03 -12.12 24.97
N ASP B 267 1.30 -12.51 25.07
CA ASP B 267 1.68 -13.92 25.05
C ASP B 267 3.13 -14.08 25.48
N ASP B 268 3.66 -15.29 25.39
CA ASP B 268 5.07 -15.53 25.69
C ASP B 268 5.80 -16.16 24.51
N VAL B 269 5.44 -15.72 23.31
CA VAL B 269 6.03 -16.23 22.08
C VAL B 269 7.51 -15.83 21.98
N LYS B 270 8.35 -16.77 21.58
CA LYS B 270 9.78 -16.51 21.45
C LYS B 270 10.18 -16.33 19.98
N GLY B 271 9.39 -16.90 19.08
CA GLY B 271 9.66 -16.80 17.65
C GLY B 271 8.46 -17.23 16.83
N VAL B 272 8.58 -17.12 15.52
CA VAL B 272 7.55 -17.57 14.60
C VAL B 272 8.18 -18.45 13.54
N PHE B 273 7.51 -19.54 13.20
CA PHE B 273 8.02 -20.40 12.14
C PHE B 273 7.16 -20.32 10.89
N PHE B 274 7.81 -20.54 9.76
CA PHE B 274 7.11 -20.68 8.49
C PHE B 274 7.58 -21.94 7.80
N ALA B 275 6.65 -22.81 7.47
CA ALA B 275 6.96 -24.06 6.81
C ALA B 275 6.24 -24.17 5.47
N TRP B 276 7.01 -24.47 4.43
CA TRP B 276 6.45 -24.85 3.15
C TRP B 276 6.72 -26.32 2.97
N ALA B 277 5.68 -27.12 3.05
CA ALA B 277 5.84 -28.57 2.97
C ALA B 277 4.95 -29.14 1.86
N GLN B 278 5.45 -30.16 1.19
CA GLN B 278 4.69 -30.80 0.13
C GLN B 278 4.33 -32.22 0.51
N LYS B 279 3.05 -32.55 0.40
CA LYS B 279 2.60 -33.89 0.72
C LYS B 279 3.13 -34.90 -0.29
N VAL B 280 3.78 -35.94 0.22
CA VAL B 280 4.37 -36.96 -0.64
C VAL B 280 3.31 -37.79 -1.36
N GLY B 281 3.38 -37.80 -2.69
CA GLY B 281 2.43 -38.56 -3.48
C GLY B 281 3.11 -39.34 -4.60
#